data_4NYH
#
_entry.id   4NYH
#
_cell.length_a   51.026
_cell.length_b   62.723
_cell.length_c   178.773
_cell.angle_alpha   90.00
_cell.angle_beta   90.00
_cell.angle_gamma   90.00
#
_symmetry.space_group_name_H-M   'P 21 21 21'
#
loop_
_entity.id
_entity.type
_entity.pdbx_description
1 polymer 'RNA/RNP complex-1-interacting phosphatase'
2 non-polymer 'PHOSPHATE ION'
3 non-polymer 'CHLORIDE ION'
4 water water
#
_entity_poly.entity_id   1
_entity_poly.type   'polypeptide(L)'
_entity_poly.pdbx_seq_one_letter_code
;GPLGSNHIPERWKDYLPVGQRMPGTRFIAFKVPLQKSFEKKLAPEECFSPLDLFNKIREQNEELGLIIDLTYTQRYYKPE
DLPETVPYLKIFTVGHQVPDDETIFKFKHAVNGFLKENKDNDKLIGVHSTHGLNRTGYLICRYLIDVEGVRPDDAIELFN
RCRGHCLERQNYIEDLQNGPIR
;
_entity_poly.pdbx_strand_id   A,B,C
#
loop_
_chem_comp.id
_chem_comp.type
_chem_comp.name
_chem_comp.formula
CL non-polymer 'CHLORIDE ION' 'Cl -1'
PO4 non-polymer 'PHOSPHATE ION' 'O4 P -3'
#
# COMPACT_ATOMS: atom_id res chain seq x y z
N GLY A 1 15.90 21.47 -11.44
CA GLY A 1 16.66 20.80 -10.35
C GLY A 1 16.88 19.34 -10.66
N PRO A 2 17.70 18.67 -9.85
CA PRO A 2 18.05 17.32 -10.23
C PRO A 2 16.85 16.39 -10.24
N LEU A 3 16.89 15.40 -11.12
CA LEU A 3 15.97 14.26 -11.09
C LEU A 3 16.38 13.24 -10.02
N GLY A 4 15.39 12.75 -9.31
CA GLY A 4 15.59 11.81 -8.22
C GLY A 4 14.55 12.07 -7.16
N SER A 5 13.82 11.03 -6.79
CA SER A 5 12.87 11.16 -5.70
C SER A 5 13.65 11.30 -4.39
N ASN A 6 13.04 11.97 -3.42
CA ASN A 6 13.70 12.14 -2.15
C ASN A 6 12.69 12.31 -1.01
N HIS A 7 11.53 11.64 -1.11
CA HIS A 7 10.54 11.75 -0.02
C HIS A 7 10.85 10.80 1.13
N ILE A 8 10.65 11.28 2.34
CA ILE A 8 10.89 10.44 3.51
C ILE A 8 9.74 9.47 3.64
N PRO A 9 10.03 8.18 3.66
CA PRO A 9 8.95 7.21 3.77
C PRO A 9 8.15 7.43 5.03
N GLU A 10 6.87 7.15 4.93
CA GLU A 10 5.98 7.32 6.07
C GLU A 10 6.51 6.50 7.23
N ARG A 11 6.60 7.16 8.38
CA ARG A 11 6.99 6.56 9.66
C ARG A 11 8.48 6.27 9.81
N TRP A 12 9.28 6.52 8.75
CA TRP A 12 10.70 6.24 8.83
C TRP A 12 11.35 6.96 10.01
N LYS A 13 10.95 8.21 10.24
CA LYS A 13 11.58 9.01 11.31
C LYS A 13 11.27 8.45 12.70
N ASP A 14 10.32 7.54 12.79
CA ASP A 14 9.77 7.15 14.09
C ASP A 14 10.50 6.00 14.75
N TYR A 15 11.43 5.39 14.04
CA TYR A 15 12.10 4.17 14.49
C TYR A 15 13.58 4.37 14.77
N LEU A 16 14.02 3.77 15.87
CA LEU A 16 15.44 3.67 16.17
C LEU A 16 16.16 3.17 14.91
N PRO A 17 17.28 3.80 14.53
CA PRO A 17 17.86 3.40 13.24
C PRO A 17 18.41 1.98 13.19
N VAL A 18 19.14 1.57 14.21
CA VAL A 18 19.88 0.31 14.18
C VAL A 18 19.62 -0.46 15.45
N GLY A 19 19.18 -1.69 15.28
CA GLY A 19 18.98 -2.60 16.41
C GLY A 19 20.27 -3.14 16.97
N GLN A 20 20.16 -3.89 18.08
CA GLN A 20 21.27 -4.65 18.56
C GLN A 20 21.43 -5.94 17.78
N ARG A 21 22.68 -6.36 17.61
CA ARG A 21 22.93 -7.67 17.07
C ARG A 21 22.17 -8.71 17.90
N MET A 22 21.54 -9.68 17.22
CA MET A 22 20.75 -10.71 17.90
C MET A 22 21.68 -11.81 18.41
N PRO A 23 21.82 -11.93 19.74
CA PRO A 23 22.70 -12.99 20.23
C PRO A 23 22.21 -14.37 19.82
N GLY A 24 23.13 -15.28 19.62
CA GLY A 24 22.78 -16.62 19.20
C GLY A 24 22.59 -16.71 17.69
N THR A 25 22.81 -15.58 17.00
CA THR A 25 22.65 -15.48 15.54
C THR A 25 23.71 -14.51 15.05
N ARG A 26 23.82 -14.38 13.73
CA ARG A 26 24.62 -13.35 13.13
C ARG A 26 23.78 -12.28 12.42
N PHE A 27 22.55 -12.09 12.88
CA PHE A 27 21.66 -11.09 12.33
C PHE A 27 21.74 -9.76 13.07
N ILE A 28 21.51 -8.68 12.34
CA ILE A 28 21.24 -7.38 12.89
C ILE A 28 20.29 -6.67 11.95
N ALA A 29 19.34 -5.91 12.50
CA ALA A 29 18.30 -5.26 11.72
C ALA A 29 18.44 -3.76 11.86
N PHE A 30 18.05 -3.05 10.79
CA PHE A 30 18.09 -1.60 10.80
C PHE A 30 17.10 -1.07 9.77
N LYS A 31 16.71 0.17 9.94
CA LYS A 31 15.91 0.85 8.93
C LYS A 31 16.80 1.31 7.76
N VAL A 32 16.19 1.67 6.65
CA VAL A 32 16.97 1.92 5.46
C VAL A 32 17.77 3.20 5.68
N PRO A 33 19.09 3.14 5.37
CA PRO A 33 19.82 4.40 5.34
C PRO A 33 19.44 5.21 4.08
N LEU A 34 19.51 6.51 4.22
CA LEU A 34 19.08 7.40 3.13
C LEU A 34 20.26 8.18 2.60
N GLN A 35 20.38 8.19 1.28
CA GLN A 35 21.39 8.99 0.58
C GLN A 35 21.12 10.48 0.72
N LYS A 36 22.05 11.27 0.22
CA LYS A 36 22.18 12.67 0.60
C LYS A 36 20.94 13.46 0.24
N SER A 37 20.36 13.20 -0.93
CA SER A 37 19.24 13.98 -1.39
C SER A 37 18.04 13.99 -0.45
N PHE A 38 17.88 12.92 0.34
CA PHE A 38 16.79 12.86 1.33
C PHE A 38 16.98 13.87 2.46
N GLU A 39 18.21 14.28 2.71
CA GLU A 39 18.50 15.03 3.92
C GLU A 39 17.97 16.45 3.92
N LYS A 40 17.54 16.93 2.76
CA LYS A 40 16.89 18.22 2.64
C LYS A 40 15.60 18.23 3.44
N LYS A 41 15.03 17.05 3.64
CA LYS A 41 13.74 16.92 4.33
C LYS A 41 13.89 16.56 5.81
N LEU A 42 15.13 16.48 6.31
CA LEU A 42 15.40 15.99 7.66
C LEU A 42 16.13 17.02 8.51
N ALA A 43 15.86 17.02 9.81
CA ALA A 43 16.71 17.71 10.77
C ALA A 43 18.00 16.91 10.96
N PRO A 44 19.09 17.56 11.40
CA PRO A 44 20.37 16.84 11.50
C PRO A 44 20.27 15.56 12.34
N GLU A 45 19.51 15.62 13.42
CA GLU A 45 19.37 14.48 14.31
C GLU A 45 18.53 13.33 13.71
N GLU A 46 17.75 13.64 12.68
CA GLU A 46 16.92 12.65 11.99
C GLU A 46 17.66 11.96 10.83
N CYS A 47 18.79 12.50 10.41
CA CYS A 47 19.53 11.93 9.30
C CYS A 47 20.04 10.56 9.71
N PHE A 48 20.09 9.66 8.75
CA PHE A 48 20.64 8.33 8.95
C PHE A 48 21.15 7.88 7.61
N SER A 49 22.45 8.15 7.39
CA SER A 49 23.08 7.91 6.11
C SER A 49 23.76 6.55 6.14
N PRO A 50 24.22 6.10 4.95
CA PRO A 50 25.04 4.90 4.94
C PRO A 50 26.27 4.99 5.85
N LEU A 51 26.88 6.17 5.92
CA LEU A 51 27.98 6.35 6.87
C LEU A 51 27.53 6.15 8.32
N ASP A 52 26.37 6.71 8.67
CA ASP A 52 25.86 6.54 10.01
C ASP A 52 25.60 5.05 10.32
N LEU A 53 25.14 4.29 9.34
CA LEU A 53 24.96 2.86 9.51
C LEU A 53 26.25 2.19 9.94
N PHE A 54 27.30 2.42 9.17
CA PHE A 54 28.58 1.77 9.45
C PHE A 54 29.13 2.22 10.80
N ASN A 55 28.98 3.50 11.08
CA ASN A 55 29.39 4.00 12.40
C ASN A 55 28.68 3.33 13.56
N LYS A 56 27.38 3.14 13.42
CA LYS A 56 26.61 2.49 14.47
C LYS A 56 26.93 1.02 14.65
N ILE A 57 27.24 0.34 13.56
CA ILE A 57 27.71 -1.03 13.63
C ILE A 57 29.04 -1.14 14.40
N ARG A 58 29.95 -0.25 14.06
CA ARG A 58 31.23 -0.19 14.75
C ARG A 58 31.05 0.12 16.24
N GLU A 59 30.11 1.00 16.57
CA GLU A 59 29.86 1.36 17.96
C GLU A 59 29.50 0.15 18.81
N GLN A 60 28.86 -0.86 18.21
CA GLN A 60 28.51 -2.12 18.87
C GLN A 60 29.66 -3.13 18.89
N ASN A 61 30.79 -2.74 18.31
CA ASN A 61 31.94 -3.65 18.15
C ASN A 61 31.52 -4.85 17.30
N GLU A 62 30.77 -4.54 16.25
CA GLU A 62 30.40 -5.54 15.27
C GLU A 62 30.91 -5.11 13.88
N GLU A 63 30.72 -5.99 12.89
CA GLU A 63 31.10 -5.67 11.51
C GLU A 63 30.16 -6.38 10.60
N LEU A 64 29.61 -5.69 9.61
CA LEU A 64 28.76 -6.34 8.59
C LEU A 64 29.60 -7.12 7.60
N GLY A 65 29.12 -8.33 7.28
CA GLY A 65 29.67 -9.12 6.17
C GLY A 65 28.76 -9.27 4.97
N LEU A 66 27.49 -8.91 5.12
CA LEU A 66 26.51 -8.94 4.03
C LEU A 66 25.40 -7.98 4.41
N ILE A 67 24.88 -7.24 3.44
CA ILE A 67 23.65 -6.49 3.57
C ILE A 67 22.61 -7.11 2.66
N ILE A 68 21.46 -7.40 3.24
CA ILE A 68 20.29 -7.83 2.48
C ILE A 68 19.25 -6.71 2.54
N ASP A 69 18.95 -6.17 1.37
CA ASP A 69 18.02 -5.05 1.16
C ASP A 69 16.71 -5.55 0.60
N LEU A 70 15.64 -5.34 1.36
CA LEU A 70 14.32 -5.86 0.99
C LEU A 70 13.46 -4.81 0.26
N THR A 71 13.99 -3.58 0.16
CA THR A 71 13.18 -2.43 -0.29
C THR A 71 12.98 -2.33 -1.80
N TYR A 72 11.92 -1.61 -2.21
CA TYR A 72 11.62 -1.40 -3.61
C TYR A 72 11.00 -0.05 -3.96
N THR A 73 10.48 0.65 -2.94
CA THR A 73 9.58 1.74 -3.28
C THR A 73 10.29 2.96 -3.90
N GLN A 74 11.54 3.17 -3.53
CA GLN A 74 12.36 4.27 -4.07
C GLN A 74 13.78 3.80 -4.11
N ARG A 75 14.61 4.55 -4.83
CA ARG A 75 16.02 4.46 -4.64
C ARG A 75 16.39 5.14 -3.34
N TYR A 76 16.88 4.39 -2.37
CA TYR A 76 17.25 4.94 -1.07
C TYR A 76 18.74 5.17 -0.96
N TYR A 77 19.52 4.27 -1.56
CA TYR A 77 20.96 4.39 -1.69
C TYR A 77 21.35 3.39 -2.79
N LYS A 78 22.55 3.58 -3.36
CA LYS A 78 23.15 2.59 -4.26
C LYS A 78 24.22 1.82 -3.52
N PRO A 79 24.21 0.49 -3.64
CA PRO A 79 25.21 -0.27 -2.91
C PRO A 79 26.65 0.16 -3.20
N GLU A 80 26.90 0.53 -4.45
CA GLU A 80 28.25 0.93 -4.83
C GLU A 80 28.67 2.24 -4.14
N ASP A 81 27.70 2.93 -3.56
CA ASP A 81 27.99 4.18 -2.83
C ASP A 81 28.27 3.92 -1.35
N LEU A 82 28.10 2.68 -0.89
CA LEU A 82 28.31 2.41 0.53
C LEU A 82 29.77 2.71 0.87
N PRO A 83 30.01 3.31 2.05
CA PRO A 83 31.36 3.76 2.35
C PRO A 83 32.32 2.65 2.81
N GLU A 84 31.79 1.45 2.97
CA GLU A 84 32.60 0.28 3.24
C GLU A 84 32.23 -0.76 2.20
N THR A 85 33.24 -1.52 1.76
CA THR A 85 33.05 -2.66 0.88
C THR A 85 32.39 -3.79 1.61
N VAL A 86 31.15 -4.07 1.24
CA VAL A 86 30.41 -5.16 1.85
C VAL A 86 29.57 -5.84 0.78
N PRO A 87 29.55 -7.18 0.76
CA PRO A 87 28.63 -7.86 -0.13
C PRO A 87 27.19 -7.38 0.11
N TYR A 88 26.42 -7.33 -0.97
CA TYR A 88 25.09 -6.76 -1.00
C TYR A 88 24.19 -7.73 -1.77
N LEU A 89 22.94 -7.82 -1.36
CA LEU A 89 21.93 -8.48 -2.16
C LEU A 89 20.61 -7.75 -2.00
N LYS A 90 19.97 -7.47 -3.12
CA LYS A 90 18.60 -7.03 -3.18
C LYS A 90 17.69 -8.25 -3.22
N ILE A 91 16.66 -8.23 -2.36
CA ILE A 91 15.59 -9.18 -2.45
C ILE A 91 14.29 -8.38 -2.37
N PHE A 92 13.68 -8.03 -3.50
CA PHE A 92 12.48 -7.20 -3.45
C PHE A 92 11.43 -7.94 -2.64
N THR A 93 10.86 -7.26 -1.63
CA THR A 93 9.81 -7.80 -0.79
C THR A 93 8.63 -6.85 -0.84
N VAL A 94 7.74 -7.13 -1.80
CA VAL A 94 6.80 -6.16 -2.32
C VAL A 94 5.44 -6.26 -1.62
N GLY A 95 4.85 -5.12 -1.31
CA GLY A 95 3.51 -5.10 -0.74
C GLY A 95 3.46 -5.67 0.66
N HIS A 96 2.23 -6.00 1.08
CA HIS A 96 1.93 -6.36 2.44
C HIS A 96 1.55 -7.81 2.66
N GLN A 97 1.48 -8.63 1.62
CA GLN A 97 1.24 -10.04 1.83
C GLN A 97 2.46 -10.66 2.52
N VAL A 98 2.27 -11.80 3.16
CA VAL A 98 3.39 -12.55 3.70
C VAL A 98 4.40 -12.75 2.56
N PRO A 99 5.69 -12.49 2.83
CA PRO A 99 6.69 -12.67 1.78
C PRO A 99 6.57 -14.03 1.12
N ASP A 100 6.63 -14.05 -0.21
CA ASP A 100 6.35 -15.28 -0.92
C ASP A 100 7.49 -16.30 -0.78
N ASP A 101 7.20 -17.54 -1.18
CA ASP A 101 8.18 -18.57 -0.92
C ASP A 101 9.49 -18.29 -1.66
N GLU A 102 9.42 -17.77 -2.88
CA GLU A 102 10.67 -17.49 -3.59
C GLU A 102 11.54 -16.51 -2.81
N THR A 103 10.90 -15.50 -2.23
CA THR A 103 11.60 -14.49 -1.42
C THR A 103 12.21 -15.12 -0.18
N ILE A 104 11.48 -16.02 0.47
CA ILE A 104 11.98 -16.73 1.63
C ILE A 104 13.21 -17.57 1.23
N PHE A 105 13.12 -18.29 0.11
CA PHE A 105 14.27 -19.12 -0.27
CA PHE A 105 14.24 -19.14 -0.36
C PHE A 105 15.48 -18.29 -0.63
N LYS A 106 15.28 -17.21 -1.36
CA LYS A 106 16.38 -16.34 -1.70
C LYS A 106 17.06 -15.77 -0.47
N PHE A 107 16.27 -15.46 0.54
CA PHE A 107 16.80 -14.97 1.83
C PHE A 107 17.67 -16.09 2.48
N LYS A 108 17.09 -17.27 2.58
CA LYS A 108 17.87 -18.38 3.18
C LYS A 108 19.16 -18.65 2.41
N HIS A 109 19.07 -18.68 1.08
CA HIS A 109 20.24 -18.97 0.27
C HIS A 109 21.34 -17.92 0.49
N ALA A 110 20.93 -16.66 0.59
CA ALA A 110 21.91 -15.60 0.79
C ALA A 110 22.59 -15.72 2.13
N VAL A 111 21.80 -16.03 3.15
CA VAL A 111 22.34 -16.16 4.49
C VAL A 111 23.30 -17.37 4.53
N ASN A 112 22.83 -18.49 4.01
CA ASN A 112 23.64 -19.69 4.03
C ASN A 112 24.93 -19.57 3.22
N GLY A 113 24.88 -18.86 2.11
CA GLY A 113 26.08 -18.69 1.28
C GLY A 113 27.11 -17.81 1.96
N PHE A 114 26.61 -16.84 2.70
CA PHE A 114 27.49 -16.01 3.51
C PHE A 114 28.13 -16.80 4.64
N LEU A 115 27.30 -17.55 5.36
CA LEU A 115 27.82 -18.30 6.51
C LEU A 115 28.89 -19.30 6.09
N LYS A 116 28.64 -20.03 5.00
CA LYS A 116 29.55 -21.11 4.65
C LYS A 116 30.95 -20.59 4.31
N GLU A 117 31.02 -19.31 3.96
CA GLU A 117 32.29 -18.70 3.55
C GLU A 117 32.98 -17.92 4.69
N ASN A 118 32.34 -17.86 5.86
CA ASN A 118 32.78 -17.04 6.97
C ASN A 118 32.78 -17.75 8.31
N LYS A 119 33.44 -18.89 8.35
CA LYS A 119 33.48 -19.74 9.54
C LYS A 119 34.61 -19.40 10.51
N ASP A 120 35.41 -18.42 10.13
CA ASP A 120 36.52 -17.93 10.98
C ASP A 120 36.28 -16.53 11.47
N ASN A 121 35.03 -16.06 11.39
CA ASN A 121 34.73 -14.73 11.87
C ASN A 121 33.29 -14.64 12.35
N ASP A 122 32.98 -13.50 12.95
CA ASP A 122 31.65 -13.23 13.47
C ASP A 122 31.01 -12.04 12.74
N LYS A 123 31.37 -11.83 11.48
CA LYS A 123 30.74 -10.76 10.73
C LYS A 123 29.24 -11.07 10.53
N LEU A 124 28.43 -10.02 10.46
CA LEU A 124 26.98 -10.11 10.54
C LEU A 124 26.31 -10.01 9.20
N ILE A 125 25.11 -10.55 9.14
CA ILE A 125 24.16 -10.29 8.08
C ILE A 125 23.24 -9.19 8.52
N GLY A 126 23.42 -8.02 7.93
CA GLY A 126 22.53 -6.90 8.15
C GLY A 126 21.36 -6.93 7.22
N VAL A 127 20.16 -6.86 7.78
CA VAL A 127 18.93 -6.92 7.01
C VAL A 127 18.17 -5.63 7.21
N HIS A 128 17.72 -5.03 6.11
CA HIS A 128 16.87 -3.87 6.22
C HIS A 128 15.73 -3.90 5.23
N SER A 129 14.64 -3.27 5.67
CA SER A 129 13.50 -2.93 4.85
C SER A 129 13.40 -1.41 4.90
N THR A 130 12.20 -0.83 4.88
CA THR A 130 12.12 0.61 5.04
C THR A 130 12.33 0.90 6.53
N HIS A 131 11.54 0.27 7.37
CA HIS A 131 11.61 0.49 8.82
C HIS A 131 12.54 -0.49 9.52
N GLY A 132 12.96 -1.54 8.80
CA GLY A 132 13.77 -2.55 9.46
C GLY A 132 13.00 -3.33 10.50
N LEU A 133 11.70 -3.51 10.26
CA LEU A 133 10.82 -4.00 11.30
C LEU A 133 9.97 -5.17 10.85
N ASN A 134 9.17 -4.93 9.81
CA ASN A 134 8.14 -5.90 9.46
C ASN A 134 8.61 -6.93 8.46
N ARG A 135 8.98 -6.50 7.25
CA ARG A 135 9.55 -7.47 6.32
C ARG A 135 10.85 -8.07 6.85
N THR A 136 11.63 -7.23 7.52
CA THR A 136 12.89 -7.66 8.11
C THR A 136 12.66 -8.69 9.20
N GLY A 137 11.78 -8.36 10.13
CA GLY A 137 11.45 -9.29 11.22
C GLY A 137 10.89 -10.60 10.70
N TYR A 138 10.02 -10.50 9.69
CA TYR A 138 9.47 -11.71 9.15
C TYR A 138 10.57 -12.65 8.62
N LEU A 139 11.44 -12.13 7.75
CA LEU A 139 12.42 -12.99 7.11
C LEU A 139 13.44 -13.54 8.09
N ILE A 140 13.90 -12.69 9.02
CA ILE A 140 14.82 -13.19 10.04
C ILE A 140 14.15 -14.32 10.83
N CYS A 141 12.94 -14.08 11.28
CA CYS A 141 12.29 -15.09 12.12
C CYS A 141 11.96 -16.37 11.34
N ARG A 142 11.51 -16.20 10.09
CA ARG A 142 11.25 -17.35 9.25
C ARG A 142 12.51 -18.21 9.07
N TYR A 143 13.65 -17.55 8.87
CA TYR A 143 14.92 -18.27 8.81
C TYR A 143 15.16 -19.06 10.11
N LEU A 144 15.02 -18.39 11.25
CA LEU A 144 15.32 -19.01 12.50
C LEU A 144 14.41 -20.22 12.76
N ILE A 145 13.13 -20.06 12.47
CA ILE A 145 12.16 -21.12 12.65
C ILE A 145 12.51 -22.32 11.75
N ASP A 146 12.67 -22.05 10.47
CA ASP A 146 12.80 -23.11 9.50
C ASP A 146 14.17 -23.79 9.52
N VAL A 147 15.22 -22.99 9.59
CA VAL A 147 16.58 -23.50 9.45
C VAL A 147 17.13 -23.97 10.80
N GLU A 148 16.86 -23.20 11.85
CA GLU A 148 17.46 -23.47 13.15
C GLU A 148 16.50 -24.10 14.17
N GLY A 149 15.24 -24.26 13.81
CA GLY A 149 14.31 -24.95 14.68
C GLY A 149 13.87 -24.14 15.90
N VAL A 150 14.01 -22.83 15.82
CA VAL A 150 13.65 -21.92 16.90
C VAL A 150 12.12 -21.81 16.97
N ARG A 151 11.57 -21.88 18.19
CA ARG A 151 10.12 -21.71 18.32
C ARG A 151 9.71 -20.33 17.81
N PRO A 152 8.57 -20.24 17.11
CA PRO A 152 8.24 -18.93 16.53
C PRO A 152 8.19 -17.78 17.53
N ASP A 153 7.59 -17.99 18.69
CA ASP A 153 7.48 -16.91 19.66
C ASP A 153 8.83 -16.54 20.24
N ASP A 154 9.74 -17.52 20.31
CA ASP A 154 11.10 -17.22 20.76
C ASP A 154 11.85 -16.41 19.71
N ALA A 155 11.66 -16.71 18.43
CA ALA A 155 12.28 -15.92 17.36
C ALA A 155 11.77 -14.50 17.37
N ILE A 156 10.44 -14.37 17.47
CA ILE A 156 9.84 -13.04 17.44
C ILE A 156 10.28 -12.22 18.64
N GLU A 157 10.32 -12.84 19.82
CA GLU A 157 10.75 -12.14 21.03
C GLU A 157 12.20 -11.67 20.94
N LEU A 158 13.08 -12.54 20.42
CA LEU A 158 14.48 -12.16 20.25
C LEU A 158 14.59 -11.01 19.26
N PHE A 159 13.89 -11.12 18.14
CA PHE A 159 13.92 -10.07 17.15
C PHE A 159 13.46 -8.75 17.76
N ASN A 160 12.32 -8.77 18.45
CA ASN A 160 11.71 -7.57 18.99
C ASN A 160 12.61 -6.90 20.02
N ARG A 161 13.13 -7.71 20.94
CA ARG A 161 13.94 -7.17 22.05
C ARG A 161 15.18 -6.49 21.48
N CYS A 162 15.85 -7.13 20.55
CA CYS A 162 17.05 -6.56 19.95
C CYS A 162 16.80 -5.38 19.02
N ARG A 163 15.70 -5.43 18.30
CA ARG A 163 15.42 -4.39 17.32
C ARG A 163 15.15 -3.06 18.01
N GLY A 164 14.52 -3.12 19.19
CA GLY A 164 14.10 -1.91 19.89
C GLY A 164 12.65 -1.53 19.64
N HIS A 165 11.98 -2.33 18.80
CA HIS A 165 10.59 -2.15 18.40
C HIS A 165 10.03 -3.50 18.10
N CYS A 166 8.72 -3.68 18.29
CA CYS A 166 8.09 -4.95 18.02
C CYS A 166 7.58 -5.05 16.59
N LEU A 167 7.76 -6.24 16.01
CA LEU A 167 7.14 -6.59 14.73
C LEU A 167 5.66 -6.25 14.82
N GLU A 168 5.14 -5.47 13.86
CA GLU A 168 3.77 -4.96 13.90
C GLU A 168 2.80 -5.80 13.09
N ARG A 169 3.20 -6.20 11.88
CA ARG A 169 2.21 -6.80 10.96
C ARG A 169 1.65 -8.11 11.45
N GLN A 170 0.33 -8.11 11.64
CA GLN A 170 -0.29 -9.24 12.31
C GLN A 170 -0.37 -10.46 11.42
N ASN A 171 -0.50 -10.24 10.12
CA ASN A 171 -0.47 -11.35 9.18
C ASN A 171 0.91 -12.02 9.15
N TYR A 172 1.97 -11.24 9.27
CA TYR A 172 3.30 -11.80 9.32
C TYR A 172 3.44 -12.66 10.58
N ILE A 173 3.03 -12.11 11.72
CA ILE A 173 3.13 -12.82 13.00
C ILE A 173 2.37 -14.13 12.94
N GLU A 174 1.16 -14.09 12.38
CA GLU A 174 0.33 -15.26 12.32
C GLU A 174 0.96 -16.37 11.47
N ASP A 175 1.57 -15.99 10.37
CA ASP A 175 2.29 -16.94 9.54
C ASP A 175 3.50 -17.52 10.26
N LEU A 176 4.26 -16.67 10.95
CA LEU A 176 5.39 -17.20 11.72
C LEU A 176 4.89 -18.25 12.72
N GLN A 177 3.81 -17.93 13.44
CA GLN A 177 3.34 -18.78 14.53
C GLN A 177 2.72 -20.05 13.99
N ASN A 178 1.94 -19.92 12.91
CA ASN A 178 1.05 -21.01 12.51
C ASN A 178 1.26 -21.49 11.07
N GLY A 179 2.03 -20.76 10.29
CA GLY A 179 2.22 -21.11 8.89
C GLY A 179 3.26 -22.19 8.70
N PRO A 180 3.42 -22.66 7.46
CA PRO A 180 4.27 -23.82 7.21
C PRO A 180 5.76 -23.49 7.23
N ILE A 181 6.55 -24.49 7.58
CA ILE A 181 7.98 -24.46 7.33
C ILE A 181 8.18 -24.46 5.80
N ARG A 182 9.06 -23.58 5.32
CA ARG A 182 9.34 -23.53 3.88
C ARG A 182 10.56 -24.37 3.51
N GLY B 1 -26.92 10.92 4.04
CA GLY B 1 -26.03 12.11 4.06
C GLY B 1 -24.57 11.71 4.29
N PRO B 2 -24.15 10.59 3.68
CA PRO B 2 -22.78 10.12 3.82
C PRO B 2 -21.81 10.97 3.00
N LEU B 3 -20.57 11.10 3.47
CA LEU B 3 -19.53 11.86 2.77
C LEU B 3 -18.80 11.04 1.69
N GLY B 4 -18.43 11.65 0.57
CA GLY B 4 -17.69 10.94 -0.50
C GLY B 4 -16.26 10.55 -0.14
N SER B 5 -15.33 11.42 -0.50
CA SER B 5 -13.99 11.48 0.09
C SER B 5 -13.25 12.69 -0.51
N ASN B 6 -12.36 13.32 0.26
CA ASN B 6 -11.68 14.55 -0.21
C ASN B 6 -10.25 14.73 0.29
N HIS B 7 -9.60 13.60 0.54
CA HIS B 7 -8.22 13.60 0.98
C HIS B 7 -7.34 13.82 -0.24
N ILE B 8 -6.43 14.80 -0.15
CA ILE B 8 -5.40 14.96 -1.17
C ILE B 8 -4.49 13.75 -1.12
N PRO B 9 -4.31 13.06 -2.26
CA PRO B 9 -3.51 11.86 -2.18
C PRO B 9 -2.12 12.18 -1.70
N GLU B 10 -1.50 11.23 -1.00
CA GLU B 10 -0.20 11.47 -0.43
C GLU B 10 0.81 11.90 -1.52
N ARG B 11 1.45 13.03 -1.24
CA ARG B 11 2.49 13.61 -2.05
C ARG B 11 2.06 14.14 -3.42
N TRP B 12 0.75 14.17 -3.66
CA TRP B 12 0.26 14.66 -4.94
C TRP B 12 0.71 16.10 -5.19
N LYS B 13 0.82 16.94 -4.17
CA LYS B 13 1.24 18.33 -4.31
C LYS B 13 2.68 18.45 -4.79
N ASP B 14 3.46 17.40 -4.59
CA ASP B 14 4.90 17.46 -4.81
C ASP B 14 5.29 17.33 -6.27
N TYR B 15 4.37 16.87 -7.12
CA TYR B 15 4.72 16.54 -8.48
C TYR B 15 4.25 17.61 -9.46
N LEU B 16 5.11 17.89 -10.41
CA LEU B 16 4.78 18.73 -11.54
C LEU B 16 3.53 18.17 -12.20
N PRO B 17 2.51 19.01 -12.43
CA PRO B 17 1.25 18.40 -12.88
C PRO B 17 1.31 17.65 -14.20
N VAL B 18 1.94 18.25 -15.21
CA VAL B 18 1.92 17.70 -16.57
C VAL B 18 3.35 17.64 -17.11
N GLY B 19 3.70 16.50 -17.64
CA GLY B 19 4.97 16.34 -18.33
C GLY B 19 4.98 16.95 -19.72
N GLN B 20 6.07 16.77 -20.42
CA GLN B 20 6.16 17.08 -21.82
C GLN B 20 5.84 15.85 -22.63
N ARG B 21 5.32 16.09 -23.81
CA ARG B 21 5.12 15.02 -24.76
C ARG B 21 6.46 14.31 -25.02
N MET B 22 6.44 13.00 -25.07
CA MET B 22 7.69 12.26 -25.26
C MET B 22 8.02 12.13 -26.75
N PRO B 23 9.21 12.62 -27.17
CA PRO B 23 9.53 12.59 -28.58
C PRO B 23 9.54 11.15 -29.05
N GLY B 24 9.19 11.00 -30.33
CA GLY B 24 9.12 9.66 -30.91
C GLY B 24 7.91 8.85 -30.50
N THR B 25 6.99 9.50 -29.78
CA THR B 25 5.80 8.87 -29.27
C THR B 25 4.62 9.84 -29.45
N ARG B 26 3.44 9.35 -29.08
CA ARG B 26 2.26 10.17 -28.90
C ARG B 26 1.76 10.15 -27.45
N PHE B 27 2.68 9.94 -26.51
CA PHE B 27 2.37 9.87 -25.09
C PHE B 27 2.66 11.21 -24.42
N ILE B 28 1.85 11.47 -23.37
CA ILE B 28 2.13 12.50 -22.39
C ILE B 28 1.58 12.05 -21.05
N ALA B 29 2.34 12.30 -19.98
CA ALA B 29 2.01 11.84 -18.65
C ALA B 29 1.66 13.01 -17.76
N PHE B 30 0.75 12.77 -16.82
CA PHE B 30 0.37 13.78 -15.85
C PHE B 30 -0.15 13.10 -14.60
N LYS B 31 -0.15 13.85 -13.49
CA LYS B 31 -0.79 13.40 -12.25
C LYS B 31 -2.28 13.59 -12.35
N VAL B 32 -3.03 12.93 -11.45
CA VAL B 32 -4.44 12.96 -11.59
C VAL B 32 -4.99 14.38 -11.37
N PRO B 33 -5.86 14.85 -12.26
CA PRO B 33 -6.52 16.12 -11.96
C PRO B 33 -7.56 15.90 -10.85
N LEU B 34 -7.77 16.91 -10.02
CA LEU B 34 -8.68 16.82 -8.91
C LEU B 34 -9.87 17.72 -9.14
N GLN B 35 -11.05 17.16 -8.95
CA GLN B 35 -12.29 17.91 -8.99
C GLN B 35 -12.41 18.92 -7.85
N LYS B 36 -13.44 19.76 -7.96
CA LYS B 36 -13.56 20.93 -7.13
C LYS B 36 -13.61 20.63 -5.63
N SER B 37 -14.22 19.51 -5.25
CA SER B 37 -14.38 19.17 -3.84
C SER B 37 -13.03 19.03 -3.11
N PHE B 38 -11.96 18.77 -3.86
CA PHE B 38 -10.63 18.63 -3.28
C PHE B 38 -9.99 19.98 -3.01
N GLU B 39 -10.49 21.04 -3.63
CA GLU B 39 -9.75 22.29 -3.62
C GLU B 39 -9.85 23.05 -2.31
N LYS B 40 -10.74 22.61 -1.42
CA LYS B 40 -10.84 23.25 -0.12
C LYS B 40 -9.54 23.07 0.65
N LYS B 41 -8.78 22.06 0.26
CA LYS B 41 -7.55 21.70 0.96
C LYS B 41 -6.30 22.10 0.19
N LEU B 42 -6.48 22.95 -0.84
CA LEU B 42 -5.38 23.38 -1.71
C LEU B 42 -5.35 24.92 -1.86
N ALA B 43 -4.15 25.50 -1.88
CA ALA B 43 -3.97 26.89 -2.30
C ALA B 43 -4.26 26.97 -3.80
N PRO B 44 -4.68 28.15 -4.29
CA PRO B 44 -4.97 28.27 -5.71
C PRO B 44 -3.86 27.77 -6.64
N GLU B 45 -2.61 28.04 -6.31
CA GLU B 45 -1.50 27.59 -7.14
C GLU B 45 -1.29 26.07 -7.11
N GLU B 46 -1.79 25.41 -6.07
CA GLU B 46 -1.70 23.93 -5.97
C GLU B 46 -2.82 23.19 -6.69
N CYS B 47 -3.90 23.90 -6.99
CA CYS B 47 -5.02 23.29 -7.68
C CYS B 47 -4.56 22.80 -9.05
N PHE B 48 -5.14 21.69 -9.50
CA PHE B 48 -4.87 21.17 -10.84
C PHE B 48 -6.12 20.41 -11.22
N SER B 49 -7.01 21.13 -11.89
CA SER B 49 -8.31 20.60 -12.26
C SER B 49 -8.25 20.03 -13.68
N PRO B 50 -9.32 19.33 -14.10
CA PRO B 50 -9.37 18.93 -15.49
C PRO B 50 -9.25 20.07 -16.48
N LEU B 51 -9.84 21.21 -16.17
CA LEU B 51 -9.64 22.38 -17.02
C LEU B 51 -8.17 22.82 -17.08
N ASP B 52 -7.48 22.80 -15.95
CA ASP B 52 -6.05 23.12 -15.95
C ASP B 52 -5.25 22.17 -16.82
N LEU B 53 -5.62 20.89 -16.78
CA LEU B 53 -4.97 19.89 -17.63
C LEU B 53 -5.09 20.32 -19.09
N PHE B 54 -6.31 20.56 -19.54
CA PHE B 54 -6.51 20.91 -20.95
C PHE B 54 -5.82 22.20 -21.32
N ASN B 55 -5.82 23.17 -20.40
CA ASN B 55 -5.11 24.41 -20.67
C ASN B 55 -3.63 24.18 -20.85
N LYS B 56 -3.03 23.35 -20.00
CA LYS B 56 -1.62 23.05 -20.09
C LYS B 56 -1.28 22.32 -21.38
N ILE B 57 -2.11 21.37 -21.76
CA ILE B 57 -1.91 20.67 -23.03
C ILE B 57 -1.88 21.64 -24.19
N ARG B 58 -2.83 22.57 -24.22
CA ARG B 58 -2.86 23.56 -25.26
C ARG B 58 -1.63 24.47 -25.20
N GLU B 59 -1.21 24.84 -23.99
CA GLU B 59 -0.03 25.69 -23.84
C GLU B 59 1.21 25.01 -24.45
N GLN B 60 1.25 23.69 -24.42
CA GLN B 60 2.38 22.97 -24.98
C GLN B 60 2.19 22.71 -26.47
N ASN B 61 1.11 23.25 -27.05
CA ASN B 61 0.83 23.10 -28.48
C ASN B 61 0.53 21.65 -28.86
N GLU B 62 -0.14 20.95 -27.94
CA GLU B 62 -0.55 19.58 -28.18
C GLU B 62 -2.09 19.46 -28.05
N GLU B 63 -2.60 18.26 -28.28
CA GLU B 63 -4.02 17.99 -28.13
C GLU B 63 -4.20 16.55 -27.70
N LEU B 64 -5.02 16.32 -26.68
CA LEU B 64 -5.35 14.96 -26.28
C LEU B 64 -6.41 14.33 -27.16
N GLY B 65 -6.19 13.06 -27.54
CA GLY B 65 -7.18 12.25 -28.22
C GLY B 65 -7.72 11.10 -27.40
N LEU B 66 -7.05 10.79 -26.30
CA LEU B 66 -7.49 9.70 -25.42
C LEU B 66 -6.87 9.93 -24.05
N ILE B 67 -7.65 9.73 -22.98
CA ILE B 67 -7.10 9.70 -21.63
C ILE B 67 -7.24 8.29 -21.10
N ILE B 68 -6.11 7.77 -20.64
CA ILE B 68 -6.08 6.48 -19.95
C ILE B 68 -5.81 6.71 -18.46
N ASP B 69 -6.80 6.34 -17.65
CA ASP B 69 -6.84 6.55 -16.20
C ASP B 69 -6.55 5.26 -15.50
N LEU B 70 -5.41 5.19 -14.80
CA LEU B 70 -4.96 3.96 -14.14
C LEU B 70 -5.41 3.86 -12.68
N THR B 71 -6.09 4.90 -12.18
CA THR B 71 -6.39 5.00 -10.76
C THR B 71 -7.52 4.11 -10.31
N TYR B 72 -7.54 3.88 -9.00
CA TYR B 72 -8.60 3.09 -8.39
C TYR B 72 -8.95 3.50 -6.94
N THR B 73 -8.10 4.29 -6.29
CA THR B 73 -8.24 4.44 -4.86
C THR B 73 -9.46 5.26 -4.45
N GLN B 74 -9.76 6.31 -5.20
CA GLN B 74 -10.84 7.26 -4.86
C GLN B 74 -11.37 7.76 -6.15
N ARG B 75 -12.46 8.48 -6.03
CA ARG B 75 -13.01 9.24 -7.13
C ARG B 75 -12.32 10.58 -7.22
N TYR B 76 -11.48 10.78 -8.26
CA TYR B 76 -10.77 12.04 -8.34
C TYR B 76 -11.48 13.05 -9.23
N TYR B 77 -12.09 12.57 -10.29
CA TYR B 77 -12.90 13.41 -11.17
C TYR B 77 -13.86 12.50 -11.92
N LYS B 78 -14.90 13.09 -12.50
CA LYS B 78 -15.83 12.35 -13.36
C LYS B 78 -15.49 12.61 -14.83
N PRO B 79 -15.39 11.55 -15.67
CA PRO B 79 -15.02 11.81 -17.07
C PRO B 79 -16.01 12.71 -17.82
N GLU B 80 -17.26 12.72 -17.39
CA GLU B 80 -18.24 13.60 -18.04
C GLU B 80 -18.02 15.07 -17.64
N ASP B 81 -17.19 15.32 -16.64
CA ASP B 81 -16.87 16.68 -16.22
C ASP B 81 -15.65 17.27 -16.94
N LEU B 82 -15.01 16.47 -17.78
CA LEU B 82 -13.93 16.99 -18.61
C LEU B 82 -14.46 18.13 -19.48
N PRO B 83 -13.72 19.25 -19.53
CA PRO B 83 -14.26 20.45 -20.19
C PRO B 83 -14.26 20.36 -21.72
N GLU B 84 -13.55 19.37 -22.25
CA GLU B 84 -13.72 18.96 -23.63
C GLU B 84 -14.07 17.48 -23.61
N THR B 85 -14.90 17.05 -24.55
CA THR B 85 -15.17 15.62 -24.73
C THR B 85 -13.99 14.98 -25.45
N VAL B 86 -13.28 14.17 -24.69
CA VAL B 86 -12.13 13.39 -25.16
C VAL B 86 -12.43 11.96 -24.72
N PRO B 87 -12.20 10.96 -25.59
CA PRO B 87 -12.33 9.57 -25.20
C PRO B 87 -11.57 9.27 -23.91
N TYR B 88 -12.14 8.39 -23.11
CA TYR B 88 -11.64 8.13 -21.77
C TYR B 88 -11.65 6.62 -21.59
N LEU B 89 -10.61 6.08 -20.97
CA LEU B 89 -10.63 4.66 -20.62
C LEU B 89 -10.00 4.44 -19.24
N LYS B 90 -10.70 3.70 -18.40
CA LYS B 90 -10.18 3.29 -17.10
C LYS B 90 -9.49 1.92 -17.22
N ILE B 91 -8.29 1.82 -16.70
CA ILE B 91 -7.60 0.56 -16.53
C ILE B 91 -7.06 0.46 -15.11
N PHE B 92 -7.83 -0.16 -14.21
CA PHE B 92 -7.39 -0.18 -12.81
C PHE B 92 -6.02 -0.85 -12.73
N THR B 93 -5.08 -0.16 -12.10
CA THR B 93 -3.74 -0.66 -11.93
C THR B 93 -3.45 -0.67 -10.43
N VAL B 94 -3.62 -1.84 -9.81
CA VAL B 94 -3.79 -1.94 -8.37
C VAL B 94 -2.53 -2.50 -7.72
N GLY B 95 -2.15 -1.89 -6.60
CA GLY B 95 -1.09 -2.42 -5.77
C GLY B 95 0.29 -2.08 -6.29
N HIS B 96 1.30 -2.68 -5.67
CA HIS B 96 2.68 -2.31 -5.92
C HIS B 96 3.44 -3.33 -6.74
N GLN B 97 2.86 -4.51 -7.00
CA GLN B 97 3.55 -5.45 -7.88
C GLN B 97 3.66 -4.88 -9.29
N VAL B 98 4.62 -5.38 -10.06
CA VAL B 98 4.64 -5.09 -11.49
C VAL B 98 3.24 -5.28 -12.04
N PRO B 99 2.75 -4.31 -12.85
CA PRO B 99 1.43 -4.49 -13.41
C PRO B 99 1.31 -5.82 -14.15
N ASP B 100 0.20 -6.52 -13.96
CA ASP B 100 0.07 -7.86 -14.46
C ASP B 100 -0.10 -7.86 -15.98
N ASP B 101 0.06 -9.01 -16.60
CA ASP B 101 0.10 -9.08 -18.05
C ASP B 101 -1.24 -8.67 -18.62
N GLU B 102 -2.35 -8.94 -17.92
CA GLU B 102 -3.67 -8.51 -18.39
C GLU B 102 -3.77 -7.00 -18.49
N THR B 103 -3.23 -6.33 -17.49
CA THR B 103 -3.22 -4.87 -17.43
C THR B 103 -2.34 -4.30 -18.55
N ILE B 104 -1.15 -4.87 -18.70
CA ILE B 104 -0.24 -4.49 -19.79
C ILE B 104 -0.92 -4.59 -21.15
N PHE B 105 -1.59 -5.69 -21.37
CA PHE B 105 -2.26 -5.87 -22.64
C PHE B 105 -3.38 -4.84 -22.80
N LYS B 106 -4.20 -4.63 -21.79
CA LYS B 106 -5.27 -3.67 -21.93
C LYS B 106 -4.72 -2.30 -22.30
N PHE B 107 -3.61 -1.92 -21.71
CA PHE B 107 -3.01 -0.64 -22.02
C PHE B 107 -2.58 -0.61 -23.50
N LYS B 108 -1.81 -1.60 -23.91
CA LYS B 108 -1.37 -1.64 -25.28
C LYS B 108 -2.52 -1.62 -26.25
N HIS B 109 -3.51 -2.43 -25.97
CA HIS B 109 -4.64 -2.52 -26.87
C HIS B 109 -5.34 -1.18 -27.03
N ALA B 110 -5.54 -0.48 -25.91
CA ALA B 110 -6.17 0.82 -25.95
C ALA B 110 -5.36 1.82 -26.77
N VAL B 111 -4.06 1.79 -26.56
CA VAL B 111 -3.21 2.74 -27.27
C VAL B 111 -3.19 2.41 -28.78
N ASN B 112 -3.09 1.12 -29.10
CA ASN B 112 -3.01 0.73 -30.50
C ASN B 112 -4.33 1.05 -31.20
N GLY B 113 -5.44 0.78 -30.51
CA GLY B 113 -6.73 1.04 -31.10
C GLY B 113 -6.91 2.52 -31.40
N PHE B 114 -6.46 3.36 -30.49
CA PHE B 114 -6.49 4.80 -30.72
C PHE B 114 -5.62 5.20 -31.91
N LEU B 115 -4.41 4.69 -31.93
CA LEU B 115 -3.52 5.03 -33.03
C LEU B 115 -4.06 4.61 -34.39
N LYS B 116 -4.67 3.43 -34.46
CA LYS B 116 -5.19 2.96 -35.74
C LYS B 116 -6.26 3.91 -36.29
N GLU B 117 -7.00 4.57 -35.41
CA GLU B 117 -8.13 5.42 -35.83
C GLU B 117 -7.69 6.86 -36.01
N ASN B 118 -6.42 7.14 -35.69
CA ASN B 118 -5.91 8.49 -35.66
C ASN B 118 -4.54 8.58 -36.30
N LYS B 119 -4.34 7.88 -37.42
CA LYS B 119 -3.04 7.92 -38.09
C LYS B 119 -2.88 9.22 -38.86
N ASP B 120 -3.98 9.94 -39.04
CA ASP B 120 -3.98 11.16 -39.84
C ASP B 120 -3.86 12.44 -38.98
N ASN B 121 -3.65 12.28 -37.68
CA ASN B 121 -3.45 13.43 -36.79
C ASN B 121 -2.38 13.12 -35.75
N ASP B 122 -2.06 14.13 -34.96
CA ASP B 122 -1.02 14.01 -33.94
C ASP B 122 -1.58 14.15 -32.53
N LYS B 123 -2.85 13.79 -32.38
CA LYS B 123 -3.42 13.78 -31.04
C LYS B 123 -2.73 12.75 -30.15
N LEU B 124 -2.69 13.05 -28.85
CA LEU B 124 -1.89 12.27 -27.90
C LEU B 124 -2.77 11.33 -27.06
N ILE B 125 -2.12 10.30 -26.55
CA ILE B 125 -2.66 9.51 -25.47
C ILE B 125 -2.10 10.12 -24.19
N GLY B 126 -3.00 10.68 -23.40
CA GLY B 126 -2.63 11.16 -22.07
C GLY B 126 -2.83 10.07 -21.04
N VAL B 127 -1.80 9.78 -20.27
CA VAL B 127 -1.85 8.70 -19.28
C VAL B 127 -1.62 9.26 -17.90
N HIS B 128 -2.52 8.92 -16.99
CA HIS B 128 -2.31 9.29 -15.60
C HIS B 128 -2.60 8.16 -14.64
N SER B 129 -1.86 8.22 -13.53
CA SER B 129 -2.10 7.44 -12.33
C SER B 129 -2.39 8.48 -11.25
N THR B 130 -1.98 8.26 -10.02
CA THR B 130 -2.16 9.28 -9.01
C THR B 130 -1.13 10.36 -9.21
N HIS B 131 0.13 9.91 -9.29
CA HIS B 131 1.24 10.86 -9.46
C HIS B 131 1.68 10.98 -10.92
N GLY B 132 1.12 10.18 -11.81
CA GLY B 132 1.59 10.21 -13.18
C GLY B 132 3.01 9.76 -13.32
N LEU B 133 3.46 8.84 -12.47
CA LEU B 133 4.85 8.52 -12.38
C LEU B 133 5.16 7.03 -12.43
N ASN B 134 4.70 6.28 -11.44
CA ASN B 134 5.13 4.89 -11.31
C ASN B 134 4.36 3.93 -12.18
N ARG B 135 3.06 3.85 -11.97
CA ARG B 135 2.26 2.98 -12.82
C ARG B 135 2.23 3.53 -14.26
N THR B 136 2.22 4.85 -14.38
CA THR B 136 2.19 5.50 -15.68
C THR B 136 3.52 5.27 -16.41
N GLY B 137 4.62 5.49 -15.70
CA GLY B 137 5.92 5.26 -16.32
C GLY B 137 6.13 3.80 -16.70
N TYR B 138 5.73 2.87 -15.86
CA TYR B 138 5.87 1.48 -16.18
C TYR B 138 5.13 1.15 -17.48
N LEU B 139 3.86 1.54 -17.57
CA LEU B 139 3.08 1.12 -18.72
C LEU B 139 3.54 1.80 -20.00
N ILE B 140 3.89 3.07 -19.93
CA ILE B 140 4.42 3.74 -21.11
C ILE B 140 5.75 3.09 -21.58
N CYS B 141 6.66 2.82 -20.64
CA CYS B 141 7.94 2.27 -21.01
C CYS B 141 7.78 0.82 -21.49
N ARG B 142 6.92 0.04 -20.86
CA ARG B 142 6.63 -1.31 -21.29
C ARG B 142 6.10 -1.30 -22.75
N TYR B 143 5.18 -0.39 -23.03
CA TYR B 143 4.70 -0.20 -24.36
C TYR B 143 5.87 0.03 -25.32
N LEU B 144 6.68 1.03 -25.01
CA LEU B 144 7.76 1.39 -25.91
C LEU B 144 8.72 0.25 -26.18
N ILE B 145 9.06 -0.51 -25.15
CA ILE B 145 9.96 -1.65 -25.27
C ILE B 145 9.34 -2.73 -26.16
N ASP B 146 8.10 -3.07 -25.86
CA ASP B 146 7.49 -4.22 -26.48
C ASP B 146 7.04 -3.90 -27.90
N VAL B 147 6.40 -2.74 -28.05
CA VAL B 147 5.76 -2.39 -29.32
C VAL B 147 6.73 -1.77 -30.31
N GLU B 148 7.63 -0.93 -29.79
CA GLU B 148 8.50 -0.14 -30.63
C GLU B 148 9.95 -0.56 -30.58
N GLY B 149 10.30 -1.48 -29.68
CA GLY B 149 11.66 -2.01 -29.61
C GLY B 149 12.67 -1.02 -29.06
N VAL B 150 12.20 -0.08 -28.27
CA VAL B 150 13.06 0.85 -27.58
C VAL B 150 13.84 0.12 -26.52
N ARG B 151 15.13 0.44 -26.37
CA ARG B 151 15.90 -0.14 -25.28
C ARG B 151 15.28 0.31 -23.95
N PRO B 152 15.23 -0.59 -22.94
CA PRO B 152 14.59 -0.19 -21.68
C PRO B 152 15.19 1.08 -21.09
N ASP B 153 16.51 1.12 -20.99
CA ASP B 153 17.09 2.28 -20.35
C ASP B 153 16.79 3.57 -21.11
N ASP B 154 16.74 3.48 -22.44
CA ASP B 154 16.37 4.66 -23.22
C ASP B 154 14.94 5.08 -22.93
N ALA B 155 14.04 4.11 -22.83
CA ALA B 155 12.65 4.43 -22.55
C ALA B 155 12.51 5.11 -21.18
N ILE B 156 13.17 4.54 -20.18
CA ILE B 156 13.09 5.06 -18.81
C ILE B 156 13.67 6.47 -18.73
N GLU B 157 14.84 6.65 -19.33
CA GLU B 157 15.49 7.94 -19.27
C GLU B 157 14.61 8.98 -19.92
N LEU B 158 14.03 8.63 -21.07
CA LEU B 158 13.18 9.57 -21.78
C LEU B 158 11.90 9.88 -20.98
N PHE B 159 11.30 8.83 -20.47
CA PHE B 159 10.12 9.04 -19.64
C PHE B 159 10.42 10.03 -18.52
N ASN B 160 11.49 9.75 -17.81
CA ASN B 160 11.83 10.55 -16.65
C ASN B 160 12.07 12.02 -17.04
N ARG B 161 12.88 12.21 -18.08
CA ARG B 161 13.27 13.55 -18.47
C ARG B 161 12.01 14.33 -18.89
N CYS B 162 11.12 13.68 -19.63
CA CYS B 162 9.92 14.37 -20.09
C CYS B 162 8.92 14.57 -18.97
N ARG B 163 8.85 13.64 -18.02
CA ARG B 163 7.90 13.77 -16.92
C ARG B 163 8.28 14.90 -15.99
N GLY B 164 9.58 15.07 -15.79
CA GLY B 164 10.05 16.01 -14.76
C GLY B 164 10.34 15.35 -13.42
N HIS B 165 10.15 14.03 -13.37
CA HIS B 165 10.40 13.23 -12.15
C HIS B 165 10.79 11.84 -12.61
N CYS B 166 11.63 11.16 -11.83
CA CYS B 166 12.04 9.79 -12.13
C CYS B 166 11.10 8.73 -11.60
N LEU B 167 10.87 7.74 -12.44
CA LEU B 167 10.22 6.53 -12.05
C LEU B 167 10.90 6.01 -10.77
N GLU B 168 10.11 5.78 -9.72
CA GLU B 168 10.65 5.49 -8.38
C GLU B 168 10.78 4.01 -8.08
N ARG B 169 9.77 3.23 -8.45
CA ARG B 169 9.66 1.86 -8.02
C ARG B 169 10.74 1.00 -8.64
N GLN B 170 11.56 0.41 -7.77
CA GLN B 170 12.77 -0.27 -8.19
C GLN B 170 12.42 -1.62 -8.79
N ASN B 171 11.32 -2.23 -8.38
CA ASN B 171 10.84 -3.44 -8.99
C ASN B 171 10.32 -3.18 -10.39
N TYR B 172 9.65 -2.04 -10.59
CA TYR B 172 9.21 -1.68 -11.92
C TYR B 172 10.42 -1.53 -12.85
N ILE B 173 11.40 -0.73 -12.42
CA ILE B 173 12.60 -0.56 -13.20
C ILE B 173 13.25 -1.87 -13.56
N GLU B 174 13.39 -2.76 -12.58
CA GLU B 174 14.07 -4.02 -12.85
C GLU B 174 13.33 -4.84 -13.92
N ASP B 175 12.01 -4.84 -13.87
CA ASP B 175 11.23 -5.56 -14.83
C ASP B 175 11.31 -4.94 -16.22
N LEU B 176 11.35 -3.62 -16.30
CA LEU B 176 11.55 -2.97 -17.58
C LEU B 176 12.93 -3.32 -18.15
N GLN B 177 13.95 -3.28 -17.31
CA GLN B 177 15.30 -3.49 -17.80
C GLN B 177 15.54 -4.92 -18.21
N ASN B 178 15.07 -5.86 -17.40
CA ASN B 178 15.53 -7.24 -17.46
C ASN B 178 14.40 -8.25 -17.60
N GLY B 179 13.15 -7.79 -17.55
CA GLY B 179 12.02 -8.71 -17.63
C GLY B 179 11.66 -8.98 -19.06
N PRO B 180 10.68 -9.87 -19.23
CA PRO B 180 10.30 -10.28 -20.59
C PRO B 180 9.48 -9.25 -21.35
N ILE B 181 9.61 -9.27 -22.66
CA ILE B 181 8.66 -8.64 -23.55
C ILE B 181 7.33 -9.36 -23.47
N ARG B 182 6.26 -8.58 -23.27
CA ARG B 182 4.91 -9.12 -23.25
C ARG B 182 4.31 -9.10 -24.65
N ASN C 6 1.09 4.04 18.91
CA ASN C 6 2.05 5.08 18.43
C ASN C 6 1.48 5.86 17.26
N HIS C 7 1.46 5.22 16.09
CA HIS C 7 1.08 5.87 14.86
C HIS C 7 -0.43 5.75 14.67
N ILE C 8 -1.06 6.89 14.51
CA ILE C 8 -2.43 6.92 14.09
C ILE C 8 -2.46 6.54 12.61
N PRO C 9 -3.28 5.53 12.23
CA PRO C 9 -3.30 5.18 10.80
C PRO C 9 -3.66 6.38 9.97
N GLU C 10 -3.09 6.44 8.77
CA GLU C 10 -3.37 7.54 7.87
C GLU C 10 -4.86 7.63 7.63
N ARG C 11 -5.35 8.87 7.67
CA ARG C 11 -6.73 9.22 7.38
C ARG C 11 -7.76 8.73 8.43
N TRP C 12 -7.32 8.03 9.48
CA TRP C 12 -8.24 7.50 10.48
C TRP C 12 -9.07 8.61 11.16
N LYS C 13 -8.45 9.75 11.38
CA LYS C 13 -9.14 10.86 12.05
C LYS C 13 -10.25 11.47 11.22
N ASP C 14 -10.29 11.15 9.93
CA ASP C 14 -11.17 11.79 8.97
C ASP C 14 -12.57 11.17 8.91
N TYR C 15 -12.78 10.05 9.60
CA TYR C 15 -14.01 9.26 9.46
C TYR C 15 -14.82 9.19 10.75
N LEU C 16 -16.12 9.40 10.60
CA LEU C 16 -17.09 9.16 11.68
C LEU C 16 -16.80 7.80 12.28
N PRO C 17 -16.73 7.69 13.62
CA PRO C 17 -16.27 6.42 14.15
C PRO C 17 -17.19 5.22 13.88
N VAL C 18 -18.49 5.41 14.11
CA VAL C 18 -19.44 4.27 14.07
C VAL C 18 -20.63 4.61 13.18
N GLY C 19 -20.94 3.70 12.26
CA GLY C 19 -22.13 3.87 11.43
C GLY C 19 -23.39 3.56 12.20
N GLN C 20 -24.52 3.66 11.55
CA GLN C 20 -25.79 3.17 12.05
C GLN C 20 -25.98 1.72 11.65
N ARG C 21 -26.65 0.95 12.47
CA ARG C 21 -27.07 -0.39 12.08
C ARG C 21 -27.81 -0.36 10.73
N MET C 22 -27.48 -1.30 9.84
CA MET C 22 -28.09 -1.32 8.53
C MET C 22 -29.46 -2.00 8.62
N PRO C 23 -30.55 -1.26 8.37
CA PRO C 23 -31.85 -1.89 8.55
C PRO C 23 -32.04 -3.05 7.58
N GLY C 24 -32.76 -4.07 8.05
CA GLY C 24 -32.94 -5.28 7.29
C GLY C 24 -31.76 -6.21 7.43
N THR C 25 -30.77 -5.82 8.23
CA THR C 25 -29.58 -6.64 8.44
C THR C 25 -29.23 -6.59 9.90
N ARG C 26 -28.22 -7.35 10.30
CA ARG C 26 -27.67 -7.24 11.64
C ARG C 26 -26.24 -6.74 11.60
N PHE C 27 -25.92 -6.04 10.53
CA PHE C 27 -24.59 -5.44 10.40
C PHE C 27 -24.51 -4.03 10.93
N ILE C 28 -23.35 -3.71 11.48
CA ILE C 28 -22.98 -2.32 11.75
C ILE C 28 -21.49 -2.22 11.46
N ALA C 29 -21.10 -1.08 10.88
CA ALA C 29 -19.71 -0.86 10.49
C ALA C 29 -19.07 0.25 11.34
N PHE C 30 -17.78 0.12 11.61
CA PHE C 30 -17.06 1.19 12.31
C PHE C 30 -15.58 1.12 11.96
N LYS C 31 -14.88 2.22 12.18
CA LYS C 31 -13.44 2.26 12.04
C LYS C 31 -12.77 1.55 13.20
N VAL C 32 -11.49 1.26 13.08
CA VAL C 32 -10.82 0.48 14.11
C VAL C 32 -10.73 1.28 15.42
N PRO C 33 -11.18 0.70 16.55
CA PRO C 33 -10.93 1.40 17.80
C PRO C 33 -9.47 1.33 18.19
N LEU C 34 -8.96 2.43 18.75
CA LEU C 34 -7.56 2.47 19.13
C LEU C 34 -7.45 2.45 20.63
N GLN C 35 -6.58 1.59 21.14
CA GLN C 35 -6.37 1.49 22.59
C GLN C 35 -5.74 2.75 23.14
N LYS C 36 -5.66 2.81 24.46
CA LYS C 36 -5.32 4.03 25.16
C LYS C 36 -3.98 4.62 24.75
N SER C 37 -3.01 3.76 24.46
CA SER C 37 -1.67 4.23 24.10
C SER C 37 -1.66 5.19 22.92
N PHE C 38 -2.63 5.07 22.04
CA PHE C 38 -2.72 5.93 20.85
C PHE C 38 -3.20 7.33 21.18
N GLU C 39 -3.82 7.51 22.35
CA GLU C 39 -4.51 8.77 22.62
C GLU C 39 -3.60 9.96 22.92
N LYS C 40 -2.33 9.68 23.20
CA LYS C 40 -1.36 10.75 23.39
C LYS C 40 -1.25 11.62 22.13
N LYS C 41 -1.63 11.05 20.98
CA LYS C 41 -1.51 11.73 19.69
C LYS C 41 -2.86 12.21 19.15
N LEU C 42 -3.89 12.16 19.99
CA LEU C 42 -5.22 12.56 19.58
C LEU C 42 -5.79 13.67 20.45
N ALA C 43 -6.51 14.59 19.81
CA ALA C 43 -7.35 15.55 20.53
C ALA C 43 -8.51 14.80 21.12
N PRO C 44 -9.10 15.33 22.19
CA PRO C 44 -10.21 14.61 22.84
C PRO C 44 -11.30 14.20 21.84
N GLU C 45 -11.67 15.09 20.93
CA GLU C 45 -12.76 14.84 20.01
C GLU C 45 -12.40 13.77 18.98
N GLU C 46 -11.11 13.47 18.85
CA GLU C 46 -10.62 12.48 17.93
C GLU C 46 -10.49 11.08 18.54
N CYS C 47 -10.55 10.98 19.86
CA CYS C 47 -10.39 9.67 20.53
C CYS C 47 -11.53 8.72 20.17
N PHE C 48 -11.22 7.43 20.00
CA PHE C 48 -12.21 6.40 19.75
C PHE C 48 -11.61 5.04 20.10
N SER C 49 -11.85 4.62 21.33
CA SER C 49 -11.31 3.39 21.87
C SER C 49 -12.39 2.33 21.90
N PRO C 50 -12.02 1.10 22.27
CA PRO C 50 -13.08 0.10 22.40
C PRO C 50 -14.18 0.51 23.37
N LEU C 51 -13.82 1.20 24.47
CA LEU C 51 -14.82 1.75 25.37
C LEU C 51 -15.81 2.66 24.65
N ASP C 52 -15.27 3.58 23.85
CA ASP C 52 -16.12 4.48 23.06
C ASP C 52 -17.03 3.73 22.10
N LEU C 53 -16.51 2.66 21.51
CA LEU C 53 -17.31 1.81 20.61
C LEU C 53 -18.54 1.29 21.35
N PHE C 54 -18.31 0.67 22.51
CA PHE C 54 -19.41 0.14 23.28
C PHE C 54 -20.38 1.21 23.74
N ASN C 55 -19.85 2.38 24.05
CA ASN C 55 -20.72 3.50 24.42
C ASN C 55 -21.62 3.94 23.25
N LYS C 56 -21.04 3.99 22.06
CA LYS C 56 -21.81 4.44 20.89
C LYS C 56 -22.84 3.41 20.45
N ILE C 57 -22.50 2.13 20.56
CA ILE C 57 -23.44 1.06 20.27
C ILE C 57 -24.62 1.16 21.22
N ARG C 58 -24.35 1.39 22.51
CA ARG C 58 -25.38 1.53 23.50
C ARG C 58 -26.24 2.75 23.21
N GLU C 59 -25.62 3.85 22.82
CA GLU C 59 -26.36 5.08 22.49
C GLU C 59 -27.37 4.83 21.36
N GLN C 60 -27.07 3.91 20.44
CA GLN C 60 -27.99 3.51 19.37
C GLN C 60 -29.00 2.48 19.78
N ASN C 61 -29.01 2.12 21.07
CA ASN C 61 -29.92 1.12 21.58
C ASN C 61 -29.71 -0.19 20.84
N GLU C 62 -28.45 -0.50 20.53
CA GLU C 62 -28.10 -1.78 19.95
C GLU C 62 -27.14 -2.55 20.86
N GLU C 63 -26.77 -3.76 20.45
CA GLU C 63 -25.80 -4.56 21.21
C GLU C 63 -25.00 -5.40 20.22
N LEU C 64 -23.68 -5.42 20.39
CA LEU C 64 -22.84 -6.26 19.57
C LEU C 64 -22.87 -7.68 20.10
N GLY C 65 -22.95 -8.63 19.17
CA GLY C 65 -22.73 -10.03 19.46
C GLY C 65 -21.45 -10.64 18.93
N LEU C 66 -20.84 -9.95 17.97
CA LEU C 66 -19.60 -10.42 17.36
C LEU C 66 -18.89 -9.20 16.79
N ILE C 67 -17.56 -9.18 16.91
CA ILE C 67 -16.71 -8.24 16.17
C ILE C 67 -15.85 -8.99 15.16
N ILE C 68 -15.98 -8.60 13.88
CA ILE C 68 -15.12 -9.12 12.81
C ILE C 68 -14.12 -8.05 12.47
N ASP C 69 -12.86 -8.37 12.70
CA ASP C 69 -11.75 -7.46 12.50
C ASP C 69 -11.01 -7.85 11.25
N LEU C 70 -10.97 -6.93 10.27
CA LEU C 70 -10.35 -7.18 8.96
C LEU C 70 -8.91 -6.69 8.88
N THR C 71 -8.47 -6.02 9.93
CA THR C 71 -7.17 -5.35 9.91
C THR C 71 -5.97 -6.27 10.07
N TYR C 72 -4.82 -5.82 9.60
CA TYR C 72 -3.61 -6.59 9.73
C TYR C 72 -2.39 -5.75 10.03
N THR C 73 -2.44 -4.42 9.87
CA THR C 73 -1.22 -3.65 9.84
C THR C 73 -0.49 -3.55 11.19
N GLN C 74 -1.23 -3.48 12.28
CA GLN C 74 -0.68 -3.31 13.63
C GLN C 74 -1.70 -3.88 14.59
N ARG C 75 -1.28 -4.10 15.83
CA ARG C 75 -2.18 -4.36 16.95
C ARG C 75 -2.79 -3.04 17.39
N TYR C 76 -4.08 -2.86 17.17
CA TYR C 76 -4.75 -1.59 17.50
C TYR C 76 -5.41 -1.66 18.87
N TYR C 77 -5.82 -2.86 19.28
CA TYR C 77 -6.38 -3.11 20.59
C TYR C 77 -6.23 -4.60 20.83
N LYS C 78 -6.27 -5.02 22.09
CA LYS C 78 -6.21 -6.45 22.39
C LYS C 78 -7.62 -6.96 22.61
N PRO C 79 -7.97 -8.07 21.96
CA PRO C 79 -9.35 -8.54 22.11
C PRO C 79 -9.65 -9.01 23.53
N GLU C 80 -8.63 -9.43 24.27
CA GLU C 80 -8.84 -9.79 25.67
C GLU C 80 -9.07 -8.56 26.57
N ASP C 81 -8.81 -7.36 26.05
CA ASP C 81 -8.96 -6.12 26.84
C ASP C 81 -10.33 -5.51 26.72
N LEU C 82 -11.16 -6.03 25.83
CA LEU C 82 -12.44 -5.39 25.55
C LEU C 82 -13.22 -5.28 26.87
N PRO C 83 -13.77 -4.08 27.17
CA PRO C 83 -14.38 -3.86 28.48
C PRO C 83 -15.72 -4.58 28.65
N GLU C 84 -16.25 -5.12 27.55
CA GLU C 84 -17.30 -6.13 27.60
C GLU C 84 -16.80 -7.36 26.86
N THR C 85 -17.23 -8.52 27.31
CA THR C 85 -16.98 -9.75 26.59
C THR C 85 -17.92 -9.84 25.42
N VAL C 86 -17.33 -9.80 24.23
CA VAL C 86 -18.02 -9.97 22.97
C VAL C 86 -17.13 -10.85 22.09
N PRO C 87 -17.69 -11.89 21.49
CA PRO C 87 -16.91 -12.75 20.59
C PRO C 87 -16.18 -11.95 19.54
N TYR C 88 -15.01 -12.45 19.17
CA TYR C 88 -14.09 -11.72 18.29
C TYR C 88 -13.58 -12.69 17.21
N LEU C 89 -13.50 -12.20 15.97
CA LEU C 89 -12.85 -12.97 14.90
C LEU C 89 -12.00 -12.06 14.03
N LYS C 90 -10.75 -12.47 13.83
CA LYS C 90 -9.88 -11.84 12.83
C LYS C 90 -10.03 -12.50 11.45
N ILE C 91 -10.21 -11.68 10.42
CA ILE C 91 -10.11 -12.15 9.03
C ILE C 91 -9.22 -11.15 8.28
N PHE C 92 -7.94 -11.47 8.17
CA PHE C 92 -7.03 -10.52 7.56
C PHE C 92 -7.53 -10.22 6.14
N THR C 93 -7.62 -8.94 5.83
CA THR C 93 -7.99 -8.50 4.50
C THR C 93 -6.91 -7.56 4.03
N VAL C 94 -5.96 -8.12 3.26
CA VAL C 94 -4.67 -7.51 3.04
C VAL C 94 -4.61 -6.88 1.68
N GLY C 95 -4.04 -5.67 1.63
CA GLY C 95 -3.79 -4.98 0.38
C GLY C 95 -5.03 -4.35 -0.22
N HIS C 96 -4.88 -3.91 -1.47
CA HIS C 96 -5.92 -3.13 -2.12
C HIS C 96 -6.67 -3.90 -3.20
N GLN C 97 -6.27 -5.15 -3.50
CA GLN C 97 -7.02 -5.92 -4.48
C GLN C 97 -8.40 -6.19 -3.91
N VAL C 98 -9.37 -6.44 -4.76
CA VAL C 98 -10.64 -7.01 -4.29
C VAL C 98 -10.36 -8.17 -3.35
N PRO C 99 -11.02 -8.18 -2.18
CA PRO C 99 -10.76 -9.25 -1.24
C PRO C 99 -10.92 -10.59 -1.91
N ASP C 100 -9.95 -11.49 -1.67
CA ASP C 100 -9.91 -12.72 -2.43
C ASP C 100 -11.00 -13.68 -2.05
N ASP C 101 -11.24 -14.69 -2.89
CA ASP C 101 -12.38 -15.54 -2.66
C ASP C 101 -12.29 -16.27 -1.31
N GLU C 102 -11.08 -16.58 -0.86
CA GLU C 102 -10.90 -17.26 0.43
C GLU C 102 -11.42 -16.36 1.56
N THR C 103 -11.09 -15.09 1.46
CA THR C 103 -11.48 -14.07 2.46
C THR C 103 -12.99 -13.86 2.44
N ILE C 104 -13.57 -13.81 1.24
CA ILE C 104 -15.02 -13.72 1.08
C ILE C 104 -15.70 -14.93 1.73
N PHE C 105 -15.16 -16.12 1.50
CA PHE C 105 -15.73 -17.32 2.07
C PHE C 105 -15.65 -17.31 3.61
N LYS C 106 -14.50 -16.92 4.15
CA LYS C 106 -14.35 -16.84 5.59
C LYS C 106 -15.37 -15.87 6.20
N PHE C 107 -15.56 -14.74 5.55
CA PHE C 107 -16.50 -13.76 6.06
C PHE C 107 -17.92 -14.34 6.08
N LYS C 108 -18.33 -14.91 4.95
CA LYS C 108 -19.66 -15.55 4.89
C LYS C 108 -19.82 -16.58 5.98
N HIS C 109 -18.80 -17.41 6.15
CA HIS C 109 -18.84 -18.46 7.15
C HIS C 109 -19.04 -17.94 8.57
N ALA C 110 -18.36 -16.84 8.89
CA ALA C 110 -18.47 -16.21 10.21
C ALA C 110 -19.85 -15.59 10.44
N VAL C 111 -20.36 -14.93 9.41
CA VAL C 111 -21.67 -14.32 9.50
C VAL C 111 -22.77 -15.37 9.61
N ASN C 112 -22.73 -16.35 8.74
CA ASN C 112 -23.73 -17.42 8.80
C ASN C 112 -23.72 -18.18 10.12
N GLY C 113 -22.53 -18.44 10.66
CA GLY C 113 -22.43 -19.10 11.95
C GLY C 113 -22.97 -18.26 13.09
N PHE C 114 -22.75 -16.95 13.03
CA PHE C 114 -23.30 -16.05 14.04
C PHE C 114 -24.82 -16.03 13.99
N LEU C 115 -25.37 -15.94 12.79
CA LEU C 115 -26.81 -15.83 12.63
C LEU C 115 -27.51 -17.09 13.13
N LYS C 116 -26.92 -18.26 12.84
CA LYS C 116 -27.53 -19.50 13.26
C LYS C 116 -27.52 -19.65 14.78
N GLU C 117 -26.53 -19.05 15.44
CA GLU C 117 -26.36 -19.21 16.88
C GLU C 117 -27.07 -18.11 17.65
N ASN C 118 -27.66 -17.16 16.93
CA ASN C 118 -28.22 -15.99 17.56
C ASN C 118 -29.57 -15.64 16.95
N LYS C 119 -30.38 -16.66 16.67
CA LYS C 119 -31.70 -16.43 16.12
C LYS C 119 -32.61 -15.79 17.15
N ASP C 120 -32.30 -16.01 18.42
CA ASP C 120 -33.22 -15.67 19.49
C ASP C 120 -32.96 -14.26 20.00
N ASN C 121 -32.04 -13.55 19.35
CA ASN C 121 -31.74 -12.20 19.76
C ASN C 121 -31.50 -11.29 18.57
N ASP C 122 -31.36 -10.00 18.84
CA ASP C 122 -31.10 -9.02 17.79
C ASP C 122 -29.71 -8.38 17.94
N LYS C 123 -28.78 -9.16 18.49
CA LYS C 123 -27.40 -8.70 18.58
C LYS C 123 -26.78 -8.56 17.19
N LEU C 124 -25.84 -7.64 17.07
CA LEU C 124 -25.27 -7.28 15.79
C LEU C 124 -23.90 -7.90 15.52
N ILE C 125 -23.58 -8.00 14.23
CA ILE C 125 -22.22 -8.23 13.79
C ILE C 125 -21.59 -6.89 13.51
N GLY C 126 -20.58 -6.54 14.30
CA GLY C 126 -19.81 -5.34 14.09
C GLY C 126 -18.62 -5.70 13.22
N VAL C 127 -18.46 -4.98 12.13
CA VAL C 127 -17.36 -5.23 11.19
C VAL C 127 -16.51 -3.99 11.14
N HIS C 128 -15.19 -4.16 11.26
CA HIS C 128 -14.30 -3.04 11.09
C HIS C 128 -13.08 -3.42 10.28
N SER C 129 -12.60 -2.40 9.61
CA SER C 129 -11.29 -2.41 8.95
C SER C 129 -10.56 -1.23 9.60
N THR C 130 -9.67 -0.55 8.90
CA THR C 130 -9.03 0.60 9.50
C THR C 130 -9.99 1.76 9.53
N HIS C 131 -10.61 2.05 8.40
CA HIS C 131 -11.55 3.15 8.27
C HIS C 131 -13.00 2.72 8.41
N GLY C 132 -13.22 1.40 8.47
CA GLY C 132 -14.57 0.88 8.48
C GLY C 132 -15.32 1.21 7.20
N LEU C 133 -14.59 1.28 6.08
CA LEU C 133 -15.17 1.82 4.87
C LEU C 133 -15.01 0.90 3.66
N ASN C 134 -13.79 0.68 3.19
CA ASN C 134 -13.59 0.00 1.92
C ASN C 134 -13.64 -1.51 2.06
N ARG C 135 -12.72 -2.07 2.84
CA ARG C 135 -12.78 -3.51 3.02
C ARG C 135 -14.06 -3.94 3.72
N THR C 136 -14.50 -3.16 4.70
CA THR C 136 -15.74 -3.44 5.44
C THR C 136 -16.95 -3.39 4.54
N GLY C 137 -17.08 -2.32 3.76
CA GLY C 137 -18.16 -2.17 2.82
C GLY C 137 -18.16 -3.26 1.77
N TYR C 138 -16.99 -3.59 1.24
CA TYR C 138 -16.93 -4.63 0.24
C TYR C 138 -17.52 -5.94 0.79
N LEU C 139 -17.01 -6.37 1.95
CA LEU C 139 -17.40 -7.67 2.45
C LEU C 139 -18.87 -7.72 2.89
N ILE C 140 -19.37 -6.65 3.51
CA ILE C 140 -20.79 -6.59 3.84
C ILE C 140 -21.61 -6.67 2.56
N CYS C 141 -21.28 -5.84 1.58
CA CYS C 141 -22.10 -5.83 0.36
C CYS C 141 -22.01 -7.14 -0.38
N ARG C 142 -20.79 -7.69 -0.46
CA ARG C 142 -20.63 -8.97 -1.12
C ARG C 142 -21.49 -10.07 -0.47
N TYR C 143 -21.53 -10.06 0.87
CA TYR C 143 -22.40 -10.97 1.59
C TYR C 143 -23.87 -10.75 1.19
N LEU C 144 -24.32 -9.50 1.23
CA LEU C 144 -25.71 -9.23 0.91
C LEU C 144 -26.08 -9.68 -0.51
N ILE C 145 -25.19 -9.38 -1.45
CA ILE C 145 -25.43 -9.71 -2.85
C ILE C 145 -25.49 -11.21 -3.02
N ASP C 146 -24.48 -11.88 -2.47
CA ASP C 146 -24.34 -13.29 -2.78
C ASP C 146 -25.31 -14.14 -1.97
N VAL C 147 -25.46 -13.80 -0.68
CA VAL C 147 -26.23 -14.65 0.22
C VAL C 147 -27.72 -14.26 0.27
N GLU C 148 -27.99 -12.96 0.28
CA GLU C 148 -29.33 -12.45 0.52
C GLU C 148 -29.99 -11.90 -0.74
N GLY C 149 -29.29 -11.95 -1.86
CA GLY C 149 -29.92 -11.67 -3.16
C GLY C 149 -30.19 -10.22 -3.37
N VAL C 150 -29.51 -9.40 -2.59
CA VAL C 150 -29.70 -7.95 -2.68
C VAL C 150 -29.00 -7.42 -3.94
N ARG C 151 -29.67 -6.56 -4.69
CA ARG C 151 -29.04 -5.97 -5.87
C ARG C 151 -27.79 -5.22 -5.43
N PRO C 152 -26.67 -5.36 -6.18
CA PRO C 152 -25.48 -4.61 -5.78
C PRO C 152 -25.68 -3.13 -5.48
N ASP C 153 -26.45 -2.46 -6.32
CA ASP C 153 -26.60 -1.04 -6.12
C ASP C 153 -27.38 -0.75 -4.83
N ASP C 154 -28.33 -1.61 -4.49
CA ASP C 154 -29.05 -1.43 -3.25
C ASP C 154 -28.18 -1.72 -2.04
N ALA C 155 -27.31 -2.71 -2.13
CA ALA C 155 -26.40 -3.01 -1.04
C ALA C 155 -25.47 -1.84 -0.79
N ILE C 156 -24.85 -1.34 -1.85
CA ILE C 156 -23.92 -0.23 -1.72
C ILE C 156 -24.61 1.00 -1.15
N GLU C 157 -25.76 1.35 -1.69
CA GLU C 157 -26.48 2.52 -1.18
C GLU C 157 -26.79 2.40 0.33
N LEU C 158 -27.25 1.21 0.72
CA LEU C 158 -27.56 0.99 2.13
C LEU C 158 -26.29 1.11 2.98
N PHE C 159 -25.20 0.47 2.53
CA PHE C 159 -23.95 0.55 3.27
C PHE C 159 -23.54 2.00 3.43
N ASN C 160 -23.47 2.74 2.32
CA ASN C 160 -22.97 4.11 2.35
C ASN C 160 -23.83 4.93 3.31
N ARG C 161 -25.14 4.89 3.11
CA ARG C 161 -26.05 5.75 3.88
C ARG C 161 -25.85 5.51 5.37
N CYS C 162 -25.78 4.23 5.76
CA CYS C 162 -25.69 3.90 7.15
C CYS C 162 -24.29 4.18 7.72
N ARG C 163 -23.26 4.05 6.89
CA ARG C 163 -21.91 4.26 7.38
C ARG C 163 -21.63 5.74 7.68
N GLY C 164 -22.25 6.63 6.88
CA GLY C 164 -21.93 8.04 6.98
C GLY C 164 -20.86 8.47 6.02
N HIS C 165 -20.30 7.52 5.26
CA HIS C 165 -19.27 7.78 4.27
C HIS C 165 -19.51 6.81 3.15
N CYS C 166 -19.15 7.23 1.94
CA CYS C 166 -19.35 6.41 0.74
C CYS C 166 -18.10 5.61 0.43
N LEU C 167 -18.33 4.38 0.00
CA LEU C 167 -17.26 3.55 -0.55
C LEU C 167 -16.40 4.34 -1.54
N GLU C 168 -15.09 4.20 -1.40
CA GLU C 168 -14.15 4.96 -2.22
C GLU C 168 -13.49 4.15 -3.32
N ARG C 169 -13.14 2.92 -3.04
CA ARG C 169 -12.35 2.13 -3.95
C ARG C 169 -13.15 1.79 -5.19
N GLN C 170 -12.60 2.22 -6.33
CA GLN C 170 -13.33 2.13 -7.58
C GLN C 170 -13.36 0.67 -8.02
N ASN C 171 -12.28 -0.07 -7.76
CA ASN C 171 -12.23 -1.47 -8.10
C ASN C 171 -13.19 -2.30 -7.26
N TYR C 172 -13.37 -1.95 -5.99
CA TYR C 172 -14.34 -2.64 -5.16
C TYR C 172 -15.76 -2.43 -5.68
N ILE C 173 -16.10 -1.17 -5.97
CA ILE C 173 -17.44 -0.84 -6.47
C ILE C 173 -17.70 -1.60 -7.77
N GLU C 174 -16.68 -1.65 -8.66
CA GLU C 174 -16.87 -2.28 -9.96
C GLU C 174 -17.09 -3.78 -9.78
N ASP C 175 -16.35 -4.41 -8.88
CA ASP C 175 -16.54 -5.83 -8.64
C ASP C 175 -17.92 -6.08 -8.01
N LEU C 176 -18.37 -5.25 -7.09
CA LEU C 176 -19.71 -5.42 -6.54
C LEU C 176 -20.77 -5.27 -7.63
N GLN C 177 -20.66 -4.23 -8.46
CA GLN C 177 -21.68 -3.99 -9.47
C GLN C 177 -21.66 -5.03 -10.58
N ASN C 178 -20.47 -5.44 -11.02
CA ASN C 178 -20.32 -6.17 -12.29
C ASN C 178 -19.61 -7.49 -12.15
N GLY C 179 -19.00 -7.72 -10.99
CA GLY C 179 -18.26 -8.95 -10.78
C GLY C 179 -19.19 -10.09 -10.43
N PRO C 180 -18.63 -11.30 -10.33
CA PRO C 180 -19.42 -12.49 -10.13
C PRO C 180 -19.85 -12.73 -8.69
N ILE C 181 -21.01 -13.36 -8.52
CA ILE C 181 -21.37 -13.96 -7.26
C ILE C 181 -20.38 -15.07 -6.97
N ARG C 182 -19.89 -15.12 -5.74
CA ARG C 182 -18.95 -16.19 -5.33
C ARG C 182 -19.68 -17.39 -4.75
P PO4 D . 9.01 -2.59 6.91
O1 PO4 D . 10.03 -2.97 7.94
O2 PO4 D . 8.49 -3.84 6.28
O3 PO4 D . 7.85 -1.87 7.61
O4 PO4 D . 9.65 -1.64 5.92
CL CL E . 10.18 -0.50 0.20
P PO4 F . 1.72 6.48 -9.31
O1 PO4 F . 2.72 6.60 -8.14
O2 PO4 F . 1.64 5.03 -9.63
O3 PO4 F . 0.37 6.98 -8.82
O4 PO4 F . 2.14 7.22 -10.52
CL CL G . -5.00 5.02 -7.42
P PO4 H . -10.60 0.49 4.89
O1 PO4 H . -10.43 1.73 4.03
O2 PO4 H . -9.55 0.44 5.95
O3 PO4 H . -11.91 0.56 5.59
O4 PO4 H . -10.48 -0.76 4.04
CL CL I . -5.08 -2.92 8.26
#